data_4K77
#
_entry.id   4K77
#
_cell.length_a   42.714
_cell.length_b   172.903
_cell.length_c   44.547
_cell.angle_alpha   90.00
_cell.angle_beta   93.89
_cell.angle_gamma   90.00
#
_symmetry.space_group_name_H-M   'P 1 21 1'
#
loop_
_entity.id
_entity.type
_entity.pdbx_description
1 polymer 'Tyrosine-protein kinase JAK1'
2 non-polymer 4-(cyclohexylamino)pyrido[3,4-d]pyrimidin-8(7H)-one
3 water water
#
_entity_poly.entity_id   1
_entity_poly.type   'polypeptide(L)'
_entity_poly.pdbx_seq_one_letter_code
;GDIVSEKKPATEVDPTHFEKRFLKRIRDLGEGHFGKVELCRYDPEGDNTGEQVAVKSLKPESGGNHIADLKKEIEILRNL
YHENIVKYKGICTEDGGNGIKLIMEFLPSGSLKEYLPKNKNKINLKQQLKYAVQICKGMDYLGSRQYVHRDLAARNVLVE
SEHQVKIGDFGLTKAIETDKE(PTR)(PTR)TVKDDRDSPVFWYAPECLMQSKFYIASDVWSFGVTLHELLTYCDSDSSP
MALFLKMIGPTHGQMTVTRLVNTLKEGKRLPCPPNCPDEVYQLMRKCWEFQPSNRTSFQNLIEGFEALLK
;
_entity_poly.pdbx_strand_id   A,B
#
# COMPACT_ATOMS: atom_id res chain seq x y z
N GLU A 12 -44.20 9.53 28.31
CA GLU A 12 -43.93 8.07 28.32
C GLU A 12 -42.45 7.80 28.50
N VAL A 13 -42.10 6.52 28.54
CA VAL A 13 -40.72 6.13 28.65
C VAL A 13 -40.34 5.27 27.46
N ASP A 14 -39.48 5.81 26.60
CA ASP A 14 -38.90 5.08 25.48
C ASP A 14 -37.79 4.14 26.01
N PRO A 15 -37.98 2.82 25.90
CA PRO A 15 -36.99 1.86 26.44
C PRO A 15 -35.75 1.68 25.57
N THR A 16 -35.72 2.32 24.40
CA THR A 16 -34.54 2.35 23.56
C THR A 16 -33.82 3.69 23.66
N HIS A 17 -34.26 4.55 24.57
CA HIS A 17 -33.56 5.80 24.84
C HIS A 17 -32.80 5.67 26.15
N PHE A 18 -31.48 5.77 26.07
CA PHE A 18 -30.62 5.67 27.24
C PHE A 18 -30.09 7.05 27.60
N GLU A 19 -30.39 7.50 28.81
CA GLU A 19 -29.94 8.80 29.28
C GLU A 19 -28.47 8.73 29.62
N LYS A 20 -27.71 9.71 29.16
CA LYS A 20 -26.27 9.74 29.37
C LYS A 20 -25.84 9.68 30.85
N ARG A 21 -26.57 10.38 31.71
CA ARG A 21 -26.25 10.44 33.15
C ARG A 21 -26.30 9.11 33.92
N PHE A 22 -26.92 8.09 33.33
CA PHE A 22 -27.03 6.79 33.98
C PHE A 22 -26.09 5.76 33.39
N LEU A 23 -25.33 6.15 32.37
CA LEU A 23 -24.53 5.21 31.61
C LEU A 23 -23.10 5.23 32.14
N LYS A 24 -22.78 4.22 32.96
CA LYS A 24 -21.54 4.20 33.69
C LYS A 24 -20.52 3.29 33.03
N ARG A 25 -19.39 3.87 32.65
CA ARG A 25 -18.34 3.16 31.96
C ARG A 25 -17.62 2.20 32.90
N ILE A 26 -17.42 0.96 32.45
CA ILE A 26 -16.70 -0.06 33.20
C ILE A 26 -15.35 -0.37 32.57
N ARG A 27 -15.32 -0.64 31.27
CA ARG A 27 -14.07 -0.94 30.59
C ARG A 27 -14.25 -0.97 29.07
N ASP A 28 -13.13 -0.98 28.36
CA ASP A 28 -13.14 -1.09 26.91
C ASP A 28 -13.28 -2.55 26.47
N LEU A 29 -14.08 -2.77 25.43
CA LEU A 29 -14.37 -4.09 24.88
C LEU A 29 -13.63 -4.35 23.56
N GLY A 30 -13.50 -3.32 22.74
CA GLY A 30 -12.73 -3.43 21.51
C GLY A 30 -12.61 -2.09 20.82
N GLU A 31 -11.66 -2.01 19.89
CA GLU A 31 -11.30 -0.76 19.22
C GLU A 31 -11.54 -0.88 17.72
N GLY A 32 -11.80 0.26 17.08
CA GLY A 32 -11.78 0.39 15.64
C GLY A 32 -10.91 1.58 15.30
N HIS A 33 -10.75 1.88 14.01
CA HIS A 33 -9.98 3.05 13.61
C HIS A 33 -10.73 4.34 13.90
N PHE A 34 -12.05 4.32 13.72
CA PHE A 34 -12.90 5.49 14.01
C PHE A 34 -13.99 5.25 15.05
N GLY A 35 -14.21 3.99 15.44
CA GLY A 35 -15.21 3.66 16.44
C GLY A 35 -14.64 2.79 17.55
N LYS A 36 -15.24 2.86 18.73
CA LYS A 36 -14.84 2.01 19.85
C LYS A 36 -16.04 1.54 20.65
N VAL A 37 -15.91 0.37 21.25
CA VAL A 37 -16.99 -0.20 22.03
C VAL A 37 -16.56 -0.31 23.47
N GLU A 38 -17.45 0.12 24.36
CA GLU A 38 -17.19 0.09 25.79
C GLU A 38 -18.27 -0.69 26.52
N LEU A 39 -17.86 -1.45 27.54
CA LEU A 39 -18.78 -2.01 28.50
C LEU A 39 -19.24 -0.91 29.49
N CYS A 40 -20.56 -0.76 29.63
CA CYS A 40 -21.13 0.16 30.60
C CYS A 40 -22.24 -0.53 31.33
N ARG A 41 -22.59 -0.01 32.50
CA ARG A 41 -23.78 -0.42 33.21
C ARG A 41 -24.75 0.75 33.16
N TYR A 42 -25.92 0.51 32.59
CA TYR A 42 -26.97 1.51 32.62
C TYR A 42 -27.62 1.45 33.99
N ASP A 43 -27.32 2.42 34.85
CA ASP A 43 -27.62 2.29 36.26
C ASP A 43 -28.52 3.42 36.78
N PRO A 44 -29.75 3.51 36.23
CA PRO A 44 -30.66 4.58 36.64
C PRO A 44 -30.99 4.61 38.14
N GLU A 45 -30.73 3.51 38.87
CA GLU A 45 -30.96 3.47 40.32
C GLU A 45 -29.70 3.75 41.15
N GLY A 46 -28.55 3.77 40.51
CA GLY A 46 -27.30 4.17 41.16
C GLY A 46 -26.70 3.21 42.17
N ASP A 47 -27.18 1.96 42.19
CA ASP A 47 -26.74 0.98 43.20
C ASP A 47 -26.03 -0.22 42.57
N ASN A 48 -25.56 -0.05 41.34
CA ASN A 48 -24.81 -1.08 40.62
C ASN A 48 -25.60 -2.36 40.33
N THR A 49 -26.91 -2.25 40.12
CA THR A 49 -27.72 -3.43 39.75
C THR A 49 -28.24 -3.36 38.32
N GLY A 50 -28.00 -2.23 37.65
CA GLY A 50 -28.47 -2.03 36.29
C GLY A 50 -27.83 -2.95 35.26
N GLU A 51 -28.49 -3.06 34.12
CA GLU A 51 -28.05 -4.01 33.09
C GLU A 51 -26.80 -3.51 32.41
N GLN A 52 -25.89 -4.44 32.16
CA GLN A 52 -24.67 -4.17 31.44
C GLN A 52 -24.98 -4.18 29.96
N VAL A 53 -24.45 -3.18 29.25
CA VAL A 53 -24.69 -3.02 27.82
C VAL A 53 -23.37 -2.68 27.15
N ALA A 54 -23.24 -3.06 25.87
CA ALA A 54 -22.11 -2.66 25.07
C ALA A 54 -22.47 -1.35 24.36
N VAL A 55 -21.59 -0.36 24.48
CA VAL A 55 -21.84 0.97 23.95
C VAL A 55 -20.81 1.32 22.89
N LYS A 56 -21.29 1.60 21.68
CA LYS A 56 -20.42 2.03 20.56
C LYS A 56 -20.54 3.52 20.31
N SER A 57 -19.39 4.21 20.30
CA SER A 57 -19.33 5.64 20.07
C SER A 57 -18.15 5.99 19.18
N LEU A 58 -18.08 7.25 18.79
CA LEU A 58 -17.02 7.74 17.93
C LEU A 58 -15.81 8.20 18.70
N LYS A 59 -14.64 8.05 18.06
CA LYS A 59 -13.39 8.53 18.59
C LYS A 59 -13.15 9.93 18.02
N PRO A 60 -12.77 10.90 18.88
CA PRO A 60 -12.49 12.26 18.39
C PRO A 60 -11.16 12.35 17.65
N GLY A 64 -11.39 14.22 11.41
CA GLY A 64 -12.61 14.44 10.63
C GLY A 64 -13.87 14.00 11.37
N ASN A 65 -14.99 13.99 10.66
CA ASN A 65 -16.28 13.59 11.25
C ASN A 65 -16.90 12.39 10.55
N HIS A 66 -17.39 11.46 11.35
CA HIS A 66 -17.99 10.21 10.87
C HIS A 66 -19.35 9.91 11.53
N ILE A 67 -19.95 10.92 12.16
CA ILE A 67 -21.27 10.82 12.79
C ILE A 67 -22.28 10.17 11.84
N ALA A 68 -22.25 10.56 10.57
CA ALA A 68 -23.18 10.00 9.60
C ALA A 68 -23.10 8.48 9.57
N ASP A 69 -21.89 7.94 9.37
CA ASP A 69 -21.67 6.49 9.29
C ASP A 69 -22.25 5.73 10.47
N LEU A 70 -22.08 6.28 11.66
CA LEU A 70 -22.58 5.63 12.86
C LEU A 70 -24.11 5.64 12.91
N LYS A 71 -24.72 6.72 12.44
CA LYS A 71 -26.17 6.79 12.37
C LYS A 71 -26.72 5.80 11.36
N LYS A 72 -26.04 5.65 10.24
CA LYS A 72 -26.45 4.69 9.23
C LYS A 72 -26.35 3.29 9.85
N GLU A 73 -25.23 3.01 10.51
CA GLU A 73 -25.00 1.73 11.14
C GLU A 73 -26.06 1.43 12.20
N ILE A 74 -26.45 2.45 12.96
CA ILE A 74 -27.52 2.31 13.92
C ILE A 74 -28.84 1.94 13.24
N GLU A 75 -29.14 2.58 12.12
CA GLU A 75 -30.39 2.31 11.42
C GLU A 75 -30.40 0.92 10.78
N ILE A 76 -29.24 0.43 10.39
CA ILE A 76 -29.13 -0.92 9.87
C ILE A 76 -29.39 -1.94 10.97
N LEU A 77 -28.71 -1.79 12.11
CA LEU A 77 -28.79 -2.79 13.18
C LEU A 77 -30.16 -2.76 13.82
N ARG A 78 -30.76 -1.57 13.86
CA ARG A 78 -32.03 -1.40 14.51
C ARG A 78 -33.11 -2.25 13.86
N ASN A 79 -32.94 -2.49 12.56
CA ASN A 79 -33.92 -3.26 11.80
C ASN A 79 -33.41 -4.63 11.31
N LEU A 80 -32.35 -5.16 11.91
CA LEU A 80 -31.97 -6.57 11.68
C LEU A 80 -32.53 -7.36 12.87
N TYR A 81 -33.28 -8.42 12.57
CA TYR A 81 -33.80 -9.32 13.59
C TYR A 81 -33.38 -10.75 13.23
N HIS A 82 -32.44 -11.31 13.98
CA HIS A 82 -31.95 -12.66 13.73
C HIS A 82 -31.15 -13.15 14.92
N GLU A 83 -31.31 -14.43 15.23
CA GLU A 83 -30.71 -15.00 16.44
C GLU A 83 -29.18 -15.02 16.41
N ASN A 84 -28.61 -15.08 15.22
CA ASN A 84 -27.18 -14.96 15.01
C ASN A 84 -26.72 -13.56 14.59
N ILE A 85 -27.49 -12.55 14.99
CA ILE A 85 -27.06 -11.16 14.87
C ILE A 85 -27.23 -10.46 16.21
N VAL A 86 -26.20 -9.73 16.63
CA VAL A 86 -26.21 -9.06 17.94
C VAL A 86 -27.39 -8.11 18.05
N LYS A 87 -27.99 -8.04 19.24
CA LYS A 87 -29.23 -7.27 19.45
C LYS A 87 -28.96 -5.81 19.69
N TYR A 88 -29.68 -4.98 18.95
CA TYR A 88 -29.78 -3.56 19.19
C TYR A 88 -30.66 -3.32 20.39
N LYS A 89 -30.23 -2.41 21.27
CA LYS A 89 -31.01 -2.04 22.44
C LYS A 89 -31.48 -0.60 22.40
N GLY A 90 -30.69 0.28 21.77
CA GLY A 90 -31.09 1.66 21.70
C GLY A 90 -29.99 2.63 21.38
N ILE A 91 -30.22 3.88 21.77
CA ILE A 91 -29.30 4.98 21.55
C ILE A 91 -29.23 5.91 22.75
N CYS A 92 -28.10 6.62 22.82
CA CYS A 92 -27.89 7.71 23.77
C CYS A 92 -27.47 8.94 22.94
N THR A 93 -28.12 10.09 23.17
CA THR A 93 -27.92 11.27 22.32
C THR A 93 -27.60 12.56 23.07
N GLU A 94 -27.18 13.57 22.31
CA GLU A 94 -26.82 14.92 22.80
C GLU A 94 -27.73 15.40 23.94
N GLY A 99 -23.98 14.18 18.19
CA GLY A 99 -23.61 13.32 19.32
C GLY A 99 -24.58 12.17 19.44
N ILE A 100 -24.07 10.95 19.36
CA ILE A 100 -24.90 9.75 19.45
C ILE A 100 -24.06 8.51 19.74
N LYS A 101 -24.62 7.62 20.56
CA LYS A 101 -24.00 6.35 20.93
C LYS A 101 -24.96 5.22 20.63
N LEU A 102 -24.45 4.14 20.02
CA LEU A 102 -25.21 2.91 19.79
C LEU A 102 -25.09 2.01 21.01
N ILE A 103 -26.23 1.56 21.52
CA ILE A 103 -26.28 0.65 22.68
C ILE A 103 -26.70 -0.74 22.21
N MET A 104 -25.83 -1.72 22.45
CA MET A 104 -26.07 -3.11 22.10
C MET A 104 -26.08 -4.02 23.35
N GLU A 105 -26.61 -5.21 23.21
CA GLU A 105 -26.47 -6.21 24.26
C GLU A 105 -25.01 -6.54 24.49
N PHE A 106 -24.71 -6.88 25.73
CA PHE A 106 -23.36 -7.27 26.12
C PHE A 106 -23.27 -8.79 26.13
N LEU A 107 -22.32 -9.34 25.38
CA LEU A 107 -22.05 -10.78 25.43
C LEU A 107 -20.73 -10.98 26.15
N PRO A 108 -20.79 -11.38 27.42
CA PRO A 108 -19.62 -11.54 28.32
C PRO A 108 -18.47 -12.38 27.74
N SER A 109 -18.78 -13.33 26.86
CA SER A 109 -17.74 -14.22 26.33
C SER A 109 -16.90 -13.52 25.30
N GLY A 110 -17.34 -12.36 24.82
CA GLY A 110 -16.56 -11.59 23.84
C GLY A 110 -16.56 -12.23 22.47
N SER A 111 -15.57 -11.86 21.67
CA SER A 111 -15.48 -12.39 20.33
C SER A 111 -14.78 -13.74 20.29
N LEU A 112 -14.82 -14.37 19.12
CA LEU A 112 -14.13 -15.61 18.86
C LEU A 112 -12.63 -15.44 19.07
N LYS A 113 -12.11 -14.26 18.76
CA LYS A 113 -10.70 -13.96 18.93
C LYS A 113 -10.25 -14.14 20.36
N GLU A 114 -11.12 -13.81 21.31
CA GLU A 114 -10.80 -13.94 22.72
C GLU A 114 -11.25 -15.29 23.30
N TYR A 115 -12.34 -15.83 22.78
CA TYR A 115 -12.99 -16.98 23.40
C TYR A 115 -12.40 -18.31 22.95
N LEU A 116 -12.06 -18.43 21.66
CA LEU A 116 -11.57 -19.69 21.13
C LEU A 116 -10.23 -20.14 21.74
N PRO A 117 -9.24 -19.23 21.85
CA PRO A 117 -7.94 -19.62 22.44
C PRO A 117 -8.02 -20.22 23.83
N LYS A 118 -9.06 -19.83 24.58
CA LYS A 118 -9.24 -20.20 25.98
C LYS A 118 -10.26 -21.30 26.18
N ASN A 119 -10.85 -21.80 25.10
CA ASN A 119 -11.87 -22.84 25.23
C ASN A 119 -11.72 -23.97 24.21
N LYS A 120 -10.50 -24.18 23.75
CA LYS A 120 -10.18 -25.27 22.82
C LYS A 120 -10.67 -26.62 23.33
N ASN A 121 -10.56 -26.83 24.64
CA ASN A 121 -10.96 -28.12 25.22
C ASN A 121 -12.45 -28.37 25.12
N LYS A 122 -13.23 -27.28 25.04
CA LYS A 122 -14.67 -27.35 25.05
C LYS A 122 -15.26 -27.35 23.63
N ILE A 123 -14.51 -26.81 22.67
CA ILE A 123 -14.99 -26.62 21.31
C ILE A 123 -14.29 -27.54 20.31
N ASN A 124 -14.97 -28.64 19.98
CA ASN A 124 -14.47 -29.61 19.03
C ASN A 124 -14.97 -29.30 17.64
N LEU A 125 -14.55 -30.10 16.68
CA LEU A 125 -14.87 -29.84 15.27
C LEU A 125 -16.39 -29.70 15.05
N LYS A 126 -17.17 -30.52 15.73
CA LYS A 126 -18.61 -30.51 15.58
C LYS A 126 -19.17 -29.14 15.93
N GLN A 127 -18.73 -28.62 17.07
CA GLN A 127 -19.18 -27.31 17.53
C GLN A 127 -18.70 -26.17 16.63
N GLN A 128 -17.47 -26.27 16.11
CA GLN A 128 -16.98 -25.32 15.13
C GLN A 128 -17.87 -25.29 13.89
N LEU A 129 -18.27 -26.46 13.41
CA LEU A 129 -19.11 -26.53 12.20
C LEU A 129 -20.50 -25.93 12.45
N LYS A 130 -20.96 -26.05 13.68
CA LYS A 130 -22.21 -25.46 14.10
C LYS A 130 -22.10 -23.96 14.20
N TYR A 131 -20.98 -23.45 14.72
CA TYR A 131 -20.74 -22.00 14.67
C TYR A 131 -20.76 -21.56 13.22
N ALA A 132 -20.02 -22.27 12.37
CA ALA A 132 -19.95 -21.89 10.95
C ALA A 132 -21.33 -21.85 10.26
N VAL A 133 -22.23 -22.78 10.61
CA VAL A 133 -23.61 -22.76 10.12
C VAL A 133 -24.32 -21.48 10.55
N GLN A 134 -24.21 -21.13 11.83
CA GLN A 134 -24.87 -19.95 12.38
C GLN A 134 -24.39 -18.65 11.73
N ILE A 135 -23.09 -18.55 11.53
CA ILE A 135 -22.50 -17.40 10.86
C ILE A 135 -23.05 -17.31 9.44
N CYS A 136 -23.14 -18.46 8.76
CA CYS A 136 -23.73 -18.49 7.42
C CYS A 136 -25.19 -18.06 7.42
N LYS A 137 -25.94 -18.47 8.44
CA LYS A 137 -27.36 -18.12 8.52
C LYS A 137 -27.51 -16.63 8.73
N GLY A 138 -26.63 -16.05 9.54
CA GLY A 138 -26.65 -14.62 9.80
C GLY A 138 -26.31 -13.86 8.53
N MET A 139 -25.20 -14.26 7.89
CA MET A 139 -24.77 -13.62 6.65
C MET A 139 -25.81 -13.73 5.54
N ASP A 140 -26.40 -14.92 5.41
CA ASP A 140 -27.42 -15.14 4.39
C ASP A 140 -28.63 -14.22 4.62
N TYR A 141 -29.00 -14.05 5.89
CA TYR A 141 -30.06 -13.12 6.24
C TYR A 141 -29.65 -11.69 5.82
N LEU A 142 -28.41 -11.33 6.08
CA LEU A 142 -27.91 -10.01 5.68
C LEU A 142 -28.03 -9.80 4.17
N GLY A 143 -27.55 -10.78 3.40
CA GLY A 143 -27.69 -10.78 1.94
C GLY A 143 -29.11 -10.62 1.43
N SER A 144 -30.08 -11.17 2.15
CA SER A 144 -31.50 -11.10 1.79
C SER A 144 -32.10 -9.72 2.06
N ARG A 145 -31.56 -8.99 3.04
CA ARG A 145 -31.92 -7.59 3.26
C ARG A 145 -31.15 -6.65 2.35
N GLN A 146 -30.40 -7.23 1.39
CA GLN A 146 -29.62 -6.46 0.40
C GLN A 146 -28.42 -5.69 0.98
N TYR A 147 -27.72 -6.29 1.95
CA TYR A 147 -26.52 -5.70 2.56
C TYR A 147 -25.26 -6.50 2.29
N VAL A 148 -24.15 -5.81 2.06
CA VAL A 148 -22.83 -6.43 2.05
C VAL A 148 -22.17 -5.96 3.32
N HIS A 149 -21.58 -6.89 4.04
CA HIS A 149 -21.05 -6.63 5.37
C HIS A 149 -19.65 -6.02 5.30
N ARG A 150 -18.80 -6.62 4.46
CA ARG A 150 -17.48 -6.04 4.12
C ARG A 150 -16.40 -6.17 5.20
N ASP A 151 -16.73 -6.75 6.34
CA ASP A 151 -15.79 -6.87 7.45
C ASP A 151 -15.98 -8.17 8.24
N LEU A 152 -16.32 -9.25 7.53
CA LEU A 152 -16.54 -10.53 8.20
C LEU A 152 -15.19 -11.10 8.64
N ALA A 153 -14.99 -11.18 9.94
CA ALA A 153 -13.77 -11.66 10.53
C ALA A 153 -14.09 -12.22 11.90
N ALA A 154 -13.28 -13.18 12.37
CA ALA A 154 -13.52 -13.80 13.67
C ALA A 154 -13.68 -12.78 14.78
N ARG A 155 -12.90 -11.71 14.75
CA ARG A 155 -12.99 -10.67 15.79
C ARG A 155 -14.35 -9.94 15.83
N ASN A 156 -15.12 -10.01 14.74
CA ASN A 156 -16.47 -9.41 14.70
C ASN A 156 -17.59 -10.40 14.96
N VAL A 157 -17.23 -11.59 15.43
CA VAL A 157 -18.18 -12.64 15.73
C VAL A 157 -18.20 -12.85 17.21
N LEU A 158 -19.36 -12.61 17.84
CA LEU A 158 -19.48 -12.64 19.28
C LEU A 158 -20.00 -13.99 19.72
N VAL A 159 -19.60 -14.40 20.93
CA VAL A 159 -19.99 -15.68 21.47
C VAL A 159 -21.07 -15.43 22.48
N GLU A 160 -22.26 -15.96 22.18
CA GLU A 160 -23.42 -15.83 23.05
C GLU A 160 -23.34 -16.92 24.13
N SER A 161 -22.95 -18.09 23.69
CA SER A 161 -22.71 -19.22 24.57
C SER A 161 -21.84 -20.22 23.84
N GLU A 162 -21.57 -21.32 24.51
CA GLU A 162 -20.89 -22.48 23.94
C GLU A 162 -21.56 -22.95 22.64
N HIS A 163 -22.88 -22.78 22.55
CA HIS A 163 -23.69 -23.26 21.43
C HIS A 163 -24.16 -22.19 20.43
N GLN A 164 -23.83 -20.92 20.66
CA GLN A 164 -24.36 -19.84 19.82
C GLN A 164 -23.42 -18.65 19.60
N VAL A 165 -23.22 -18.28 18.34
CA VAL A 165 -22.49 -17.06 17.99
C VAL A 165 -23.40 -16.08 17.26
N LYS A 166 -23.03 -14.80 17.33
CA LYS A 166 -23.74 -13.73 16.64
C LYS A 166 -22.77 -12.79 15.96
N ILE A 167 -23.12 -12.34 14.76
CA ILE A 167 -22.35 -11.31 14.10
C ILE A 167 -22.56 -10.03 14.90
N GLY A 168 -21.47 -9.39 15.27
CA GLY A 168 -21.51 -8.36 16.32
C GLY A 168 -21.07 -6.96 15.95
N ASP A 169 -20.82 -6.73 14.67
CA ASP A 169 -20.44 -5.40 14.21
C ASP A 169 -20.84 -5.19 12.76
N PHE A 170 -21.32 -4.00 12.46
CA PHE A 170 -21.81 -3.65 11.13
C PHE A 170 -21.32 -2.29 10.67
N GLY A 171 -20.14 -1.88 11.16
CA GLY A 171 -19.58 -0.56 10.88
C GLY A 171 -19.15 -0.28 9.46
N LEU A 172 -18.99 -1.30 8.62
CA LEU A 172 -18.68 -1.14 7.19
C LEU A 172 -19.79 -1.65 6.29
N THR A 173 -20.92 -2.07 6.87
CA THR A 173 -22.01 -2.66 6.10
C THR A 173 -22.64 -1.61 5.16
N LYS A 174 -22.90 -2.01 3.92
CA LYS A 174 -23.45 -1.13 2.91
C LYS A 174 -24.62 -1.82 2.24
N ALA A 175 -25.63 -1.05 1.85
CA ALA A 175 -26.73 -1.59 1.08
C ALA A 175 -26.31 -1.66 -0.39
N ILE A 176 -26.57 -2.78 -1.04
CA ILE A 176 -26.44 -2.89 -2.49
C ILE A 176 -27.73 -2.36 -3.11
N GLU A 177 -27.60 -1.39 -4.01
CA GLU A 177 -28.76 -0.82 -4.73
C GLU A 177 -29.63 -1.90 -5.42
N THR A 178 -30.94 -1.69 -5.45
CA THR A 178 -31.87 -2.62 -6.09
C THR A 178 -31.50 -2.76 -7.57
N ASP A 179 -31.52 -4.00 -8.07
CA ASP A 179 -31.11 -4.32 -9.44
C ASP A 179 -29.60 -4.20 -9.71
N LYS A 180 -28.81 -3.77 -8.71
CA LYS A 180 -27.35 -3.73 -8.83
C LYS A 180 -26.77 -4.97 -8.15
N GLU A 181 -25.59 -5.39 -8.60
CA GLU A 181 -24.95 -6.59 -8.07
C GLU A 181 -23.91 -6.27 -7.00
N THR A 184 -19.89 -0.08 -4.90
CA THR A 184 -18.54 0.43 -5.12
C THR A 184 -18.10 1.29 -3.95
N VAL A 185 -16.99 0.94 -3.33
CA VAL A 185 -16.49 1.64 -2.14
C VAL A 185 -15.49 2.73 -2.51
N LYS A 186 -15.56 3.84 -1.78
CA LYS A 186 -14.72 5.01 -2.03
C LYS A 186 -13.65 5.18 -0.95
N ASP A 187 -14.05 5.11 0.32
CA ASP A 187 -13.09 5.12 1.43
C ASP A 187 -12.63 3.70 1.74
N ASP A 188 -11.35 3.43 1.47
CA ASP A 188 -10.76 2.09 1.51
C ASP A 188 -9.43 2.04 2.30
N ARG A 189 -9.11 3.11 3.01
CA ARG A 189 -7.80 3.27 3.64
C ARG A 189 -7.54 2.21 4.70
N ASP A 190 -8.59 1.78 5.39
CA ASP A 190 -8.45 0.85 6.51
C ASP A 190 -9.01 -0.53 6.21
N SER A 191 -8.96 -0.95 4.95
CA SER A 191 -9.53 -2.22 4.54
C SER A 191 -8.79 -3.39 5.16
N PRO A 192 -9.53 -4.42 5.64
CA PRO A 192 -8.91 -5.66 6.14
C PRO A 192 -8.52 -6.54 4.95
N VAL A 193 -7.45 -6.14 4.27
CA VAL A 193 -7.11 -6.71 2.95
C VAL A 193 -6.92 -8.23 2.99
N PHE A 194 -6.46 -8.77 4.11
CA PHE A 194 -6.23 -10.21 4.19
C PHE A 194 -7.52 -11.03 4.29
N TRP A 195 -8.65 -10.34 4.43
CA TRP A 195 -9.94 -10.98 4.41
C TRP A 195 -10.66 -10.74 3.09
N TYR A 196 -10.09 -9.91 2.20
CA TYR A 196 -10.82 -9.45 1.00
C TYR A 196 -10.60 -10.27 -0.27
N ALA A 197 -11.70 -10.51 -0.97
CA ALA A 197 -11.69 -11.12 -2.27
C ALA A 197 -11.00 -10.18 -3.26
N PRO A 198 -10.43 -10.74 -4.34
CA PRO A 198 -9.69 -9.94 -5.34
C PRO A 198 -10.48 -8.78 -5.96
N GLU A 199 -11.76 -8.99 -6.28
CA GLU A 199 -12.58 -7.92 -6.85
C GLU A 199 -12.64 -6.69 -5.95
N CYS A 200 -12.55 -6.92 -4.63
CA CYS A 200 -12.52 -5.85 -3.63
C CYS A 200 -11.15 -5.21 -3.57
N LEU A 201 -10.10 -6.03 -3.65
CA LEU A 201 -8.73 -5.54 -3.66
C LEU A 201 -8.35 -4.84 -4.96
N MET A 202 -8.90 -5.28 -6.08
CA MET A 202 -8.51 -4.77 -7.39
C MET A 202 -9.39 -3.64 -7.91
N GLN A 203 -10.67 -3.64 -7.57
CA GLN A 203 -11.64 -2.67 -8.11
C GLN A 203 -12.61 -2.07 -7.09
N SER A 204 -12.40 -2.37 -5.82
CA SER A 204 -13.29 -1.88 -4.76
C SER A 204 -14.79 -2.14 -5.06
N LYS A 205 -15.09 -3.27 -5.69
CA LYS A 205 -16.46 -3.73 -5.86
C LYS A 205 -16.77 -4.76 -4.77
N PHE A 206 -17.93 -4.63 -4.12
CA PHE A 206 -18.34 -5.57 -3.08
C PHE A 206 -19.63 -6.29 -3.45
N TYR A 207 -19.48 -7.60 -3.71
CA TYR A 207 -20.61 -8.49 -3.98
C TYR A 207 -20.98 -9.26 -2.73
N ILE A 208 -22.17 -9.84 -2.70
CA ILE A 208 -22.49 -10.84 -1.67
C ILE A 208 -21.40 -11.93 -1.68
N ALA A 209 -20.97 -12.29 -2.88
CA ALA A 209 -19.95 -13.30 -3.08
C ALA A 209 -18.58 -12.85 -2.53
N SER A 210 -18.45 -11.58 -2.21
CA SER A 210 -17.25 -11.07 -1.53
C SER A 210 -17.32 -11.35 -0.04
N ASP A 211 -18.51 -11.30 0.54
CA ASP A 211 -18.69 -11.75 1.92
C ASP A 211 -18.44 -13.26 2.07
N VAL A 212 -18.77 -14.02 1.02
CA VAL A 212 -18.53 -15.45 1.00
C VAL A 212 -17.03 -15.70 1.05
N TRP A 213 -16.26 -14.96 0.27
CA TRP A 213 -14.80 -15.07 0.33
C TRP A 213 -14.31 -14.80 1.74
N SER A 214 -14.76 -13.69 2.31
CA SER A 214 -14.40 -13.34 3.70
C SER A 214 -14.79 -14.40 4.72
N PHE A 215 -15.95 -15.04 4.54
CA PHE A 215 -16.37 -16.11 5.43
C PHE A 215 -15.35 -17.27 5.42
N GLY A 216 -14.83 -17.57 4.24
CA GLY A 216 -13.85 -18.60 4.08
C GLY A 216 -12.64 -18.33 4.94
N VAL A 217 -12.20 -17.07 4.95
CA VAL A 217 -11.07 -16.66 5.77
C VAL A 217 -11.43 -16.74 7.24
N THR A 218 -12.65 -16.37 7.59
CA THR A 218 -13.13 -16.44 8.96
C THR A 218 -13.28 -17.90 9.42
N LEU A 219 -13.61 -18.79 8.49
CA LEU A 219 -13.74 -20.20 8.81
C LEU A 219 -12.36 -20.75 9.15
N HIS A 220 -11.38 -20.32 8.39
CA HIS A 220 -10.01 -20.66 8.66
C HIS A 220 -9.56 -20.21 10.05
N GLU A 221 -10.00 -19.04 10.49
CA GLU A 221 -9.66 -18.55 11.84
C GLU A 221 -10.30 -19.44 12.91
N LEU A 222 -11.54 -19.82 12.67
CA LEU A 222 -12.27 -20.65 13.60
C LEU A 222 -11.53 -21.98 13.79
N LEU A 223 -11.04 -22.55 12.68
CA LEU A 223 -10.40 -23.84 12.70
C LEU A 223 -8.99 -23.83 13.28
N THR A 224 -8.36 -22.65 13.35
CA THR A 224 -7.08 -22.50 14.04
C THR A 224 -7.27 -21.88 15.43
N TYR A 225 -8.53 -21.80 15.87
CA TYR A 225 -8.88 -21.24 17.18
C TYR A 225 -8.32 -19.83 17.36
N CYS A 226 -8.33 -19.06 16.27
CA CYS A 226 -7.80 -17.69 16.28
C CYS A 226 -6.44 -17.57 16.94
N ASP A 227 -5.57 -18.56 16.75
CA ASP A 227 -4.19 -18.41 17.20
C ASP A 227 -3.49 -17.35 16.37
N SER A 228 -2.74 -16.49 17.03
CA SER A 228 -2.13 -15.34 16.39
C SER A 228 -1.13 -15.75 15.30
N ASP A 229 -0.35 -16.79 15.59
CA ASP A 229 0.67 -17.27 14.66
C ASP A 229 0.10 -18.03 13.45
N SER A 230 -1.21 -18.28 13.47
CA SER A 230 -1.89 -18.92 12.34
C SER A 230 -2.90 -17.98 11.67
N SER A 231 -2.85 -16.69 12.03
CA SER A 231 -3.84 -15.74 11.54
C SER A 231 -3.61 -15.44 10.06
N PRO A 232 -4.68 -15.11 9.32
CA PRO A 232 -4.59 -14.85 7.89
C PRO A 232 -3.47 -13.88 7.53
N MET A 233 -3.33 -12.82 8.30
CA MET A 233 -2.25 -11.87 8.10
C MET A 233 -0.90 -12.56 8.27
N ALA A 234 -0.70 -13.25 9.40
CA ALA A 234 0.57 -13.93 9.68
C ALA A 234 0.94 -14.91 8.58
N LEU A 235 -0.04 -15.71 8.13
CA LEU A 235 0.18 -16.71 7.10
C LEU A 235 0.44 -16.11 5.72
N PHE A 236 -0.26 -15.02 5.41
CA PHE A 236 -0.07 -14.35 4.15
C PHE A 236 1.27 -13.63 4.06
N LEU A 237 1.65 -12.94 5.12
CA LEU A 237 2.92 -12.22 5.14
C LEU A 237 4.08 -13.20 5.00
N LYS A 238 3.88 -14.43 5.45
CA LYS A 238 4.86 -15.50 5.28
C LYS A 238 4.89 -15.86 3.80
N MET A 239 3.71 -16.01 3.21
CA MET A 239 3.57 -16.37 1.79
C MET A 239 4.20 -15.38 0.81
N ILE A 240 4.14 -14.09 1.13
CA ILE A 240 4.49 -13.06 0.15
C ILE A 240 5.68 -12.19 0.54
N GLY A 241 5.99 -12.13 1.83
CA GLY A 241 7.02 -11.24 2.36
C GLY A 241 6.41 -10.28 3.37
N PRO A 242 7.00 -10.18 4.57
CA PRO A 242 6.45 -9.26 5.58
C PRO A 242 6.97 -7.82 5.49
N THR A 243 7.73 -7.49 4.45
CA THR A 243 8.42 -6.20 4.36
C THR A 243 8.27 -5.50 2.99
N HIS A 244 7.05 -5.49 2.46
CA HIS A 244 6.78 -4.84 1.17
C HIS A 244 6.05 -3.50 1.27
N GLY A 245 5.62 -3.14 2.49
CA GLY A 245 4.91 -1.88 2.74
C GLY A 245 3.78 -1.59 1.76
N GLN A 246 3.91 -0.47 1.05
CA GLN A 246 2.92 -0.02 0.07
C GLN A 246 2.65 -1.03 -1.05
N MET A 247 3.56 -2.01 -1.23
CA MET A 247 3.39 -3.04 -2.27
C MET A 247 2.71 -4.30 -1.75
N THR A 248 2.42 -4.33 -0.45
CA THR A 248 1.82 -5.51 0.18
C THR A 248 0.56 -5.96 -0.55
N VAL A 249 -0.35 -5.02 -0.81
CA VAL A 249 -1.63 -5.36 -1.43
C VAL A 249 -1.47 -5.91 -2.85
N THR A 250 -0.60 -5.26 -3.64
CA THR A 250 -0.30 -5.74 -4.98
C THR A 250 0.30 -7.15 -4.96
N ARG A 251 1.22 -7.39 -4.03
CA ARG A 251 1.83 -8.72 -3.87
C ARG A 251 0.76 -9.74 -3.49
N LEU A 252 -0.14 -9.34 -2.58
CA LEU A 252 -1.27 -10.19 -2.23
C LEU A 252 -2.10 -10.55 -3.46
N VAL A 253 -2.40 -9.58 -4.33
CA VAL A 253 -3.24 -9.85 -5.49
C VAL A 253 -2.54 -10.84 -6.41
N ASN A 254 -1.24 -10.65 -6.62
CA ASN A 254 -0.46 -11.58 -7.44
C ASN A 254 -0.49 -12.99 -6.90
N THR A 255 -0.28 -13.11 -5.59
CA THR A 255 -0.30 -14.39 -4.90
C THR A 255 -1.62 -15.12 -5.17
N LEU A 256 -2.74 -14.39 -5.09
CA LEU A 256 -4.05 -14.98 -5.37
C LEU A 256 -4.28 -15.29 -6.84
N LYS A 257 -3.80 -14.44 -7.73
CA LYS A 257 -3.90 -14.69 -9.17
C LYS A 257 -3.21 -16.01 -9.55
N GLU A 258 -2.13 -16.34 -8.85
CA GLU A 258 -1.38 -17.58 -9.08
C GLU A 258 -2.07 -18.81 -8.48
N GLY A 259 -3.22 -18.62 -7.84
CA GLY A 259 -3.98 -19.73 -7.28
C GLY A 259 -3.52 -20.19 -5.90
N LYS A 260 -2.60 -19.44 -5.30
CA LYS A 260 -2.20 -19.69 -3.92
C LYS A 260 -3.32 -19.28 -2.96
N ARG A 261 -3.47 -20.05 -1.89
CA ARG A 261 -4.49 -19.80 -0.90
C ARG A 261 -3.93 -20.20 0.46
N LEU A 262 -4.63 -19.80 1.53
CA LEU A 262 -4.27 -20.25 2.86
C LEU A 262 -4.30 -21.78 2.92
N PRO A 263 -3.33 -22.39 3.62
CA PRO A 263 -3.25 -23.85 3.70
C PRO A 263 -4.23 -24.44 4.70
N CYS A 264 -4.57 -25.71 4.53
CA CYS A 264 -5.52 -26.39 5.40
C CYS A 264 -5.08 -26.35 6.85
N PRO A 265 -5.97 -25.89 7.75
CA PRO A 265 -5.57 -25.83 9.15
C PRO A 265 -5.26 -27.23 9.70
N PRO A 266 -4.33 -27.32 10.66
CA PRO A 266 -4.05 -28.61 11.26
C PRO A 266 -5.31 -29.24 11.85
N ASN A 267 -5.49 -30.54 11.62
CA ASN A 267 -6.63 -31.30 12.14
C ASN A 267 -7.95 -31.00 11.44
N CYS A 268 -7.88 -30.27 10.34
CA CYS A 268 -9.09 -29.97 9.60
C CYS A 268 -9.22 -31.04 8.54
N PRO A 269 -10.34 -31.79 8.54
CA PRO A 269 -10.58 -32.77 7.49
C PRO A 269 -10.64 -32.11 6.12
N ASP A 270 -10.09 -32.78 5.11
CA ASP A 270 -10.06 -32.25 3.75
C ASP A 270 -11.47 -31.85 3.25
N GLU A 271 -12.48 -32.63 3.59
CA GLU A 271 -13.86 -32.30 3.21
C GLU A 271 -14.29 -30.93 3.73
N VAL A 272 -13.82 -30.54 4.92
CA VAL A 272 -14.11 -29.21 5.44
C VAL A 272 -13.27 -28.19 4.67
N TYR A 273 -12.00 -28.54 4.39
CA TYR A 273 -11.11 -27.69 3.63
C TYR A 273 -11.60 -27.41 2.20
N GLN A 274 -12.25 -28.37 1.54
CA GLN A 274 -12.84 -28.11 0.20
C GLN A 274 -14.02 -27.12 0.23
N LEU A 275 -14.82 -27.16 1.29
CA LEU A 275 -15.87 -26.15 1.45
C LEU A 275 -15.28 -24.74 1.56
N MET A 276 -14.11 -24.64 2.18
CA MET A 276 -13.40 -23.39 2.36
C MET A 276 -12.83 -22.89 1.04
N ARG A 277 -12.19 -23.79 0.30
CA ARG A 277 -11.67 -23.45 -1.02
C ARG A 277 -12.74 -22.97 -2.00
N LYS A 278 -13.98 -23.46 -1.86
CA LYS A 278 -15.07 -23.02 -2.72
C LYS A 278 -15.49 -21.59 -2.42
N CYS A 279 -15.11 -21.08 -1.25
CA CYS A 279 -15.29 -19.68 -0.92
C CYS A 279 -14.22 -18.84 -1.59
N TRP A 280 -13.15 -19.48 -2.05
CA TRP A 280 -11.97 -18.77 -2.55
C TRP A 280 -11.71 -18.91 -4.07
N GLU A 281 -12.74 -19.24 -4.84
CA GLU A 281 -12.67 -19.15 -6.31
C GLU A 281 -12.38 -17.72 -6.72
N PHE A 282 -11.38 -17.54 -7.57
CA PHE A 282 -10.93 -16.21 -7.98
C PHE A 282 -12.05 -15.33 -8.55
N GLN A 283 -12.94 -15.94 -9.34
CA GLN A 283 -14.07 -15.24 -9.94
C GLN A 283 -15.28 -15.34 -9.01
N PRO A 284 -15.90 -14.20 -8.68
CA PRO A 284 -17.05 -14.15 -7.77
C PRO A 284 -18.19 -15.12 -8.12
N SER A 285 -18.52 -15.21 -9.41
CA SER A 285 -19.68 -16.01 -9.85
C SER A 285 -19.44 -17.52 -9.75
N ASN A 286 -18.17 -17.90 -9.62
CA ASN A 286 -17.79 -19.31 -9.40
C ASN A 286 -17.76 -19.74 -7.93
N ARG A 287 -18.00 -18.83 -7.00
CA ARG A 287 -17.96 -19.18 -5.58
C ARG A 287 -19.23 -19.85 -5.11
N THR A 288 -19.12 -20.59 -4.02
CA THR A 288 -20.29 -21.14 -3.40
C THR A 288 -21.14 -20.01 -2.80
N SER A 289 -22.38 -20.33 -2.46
CA SER A 289 -23.28 -19.39 -1.80
C SER A 289 -23.33 -19.72 -0.31
N PHE A 290 -23.98 -18.87 0.46
CA PHE A 290 -24.20 -19.16 1.87
C PHE A 290 -25.11 -20.36 2.11
N GLN A 291 -26.20 -20.46 1.36
CA GLN A 291 -27.09 -21.62 1.50
C GLN A 291 -26.39 -22.95 1.17
N ASN A 292 -25.53 -22.94 0.17
CA ASN A 292 -24.79 -24.15 -0.22
C ASN A 292 -23.77 -24.58 0.84
N LEU A 293 -23.12 -23.58 1.45
CA LEU A 293 -22.26 -23.83 2.59
C LEU A 293 -23.06 -24.44 3.75
N ILE A 294 -24.23 -23.87 4.02
CA ILE A 294 -25.09 -24.39 5.07
C ILE A 294 -25.41 -25.85 4.84
N GLU A 295 -25.72 -26.23 3.60
CA GLU A 295 -26.04 -27.62 3.29
C GLU A 295 -24.81 -28.52 3.38
N GLY A 296 -23.66 -28.02 2.94
CA GLY A 296 -22.40 -28.75 3.08
C GLY A 296 -22.10 -29.09 4.54
N PHE A 297 -22.16 -28.07 5.39
CA PHE A 297 -21.84 -28.24 6.81
C PHE A 297 -22.83 -29.18 7.47
N GLU A 298 -24.11 -28.90 7.28
CA GLU A 298 -25.18 -29.77 7.78
C GLU A 298 -24.94 -31.25 7.46
N ALA A 299 -24.51 -31.53 6.24
CA ALA A 299 -24.23 -32.91 5.82
C ALA A 299 -23.06 -33.53 6.60
N LEU A 300 -22.03 -32.75 6.87
CA LEU A 300 -20.89 -33.26 7.64
C LEU A 300 -21.26 -33.41 9.10
N LEU A 301 -22.31 -32.71 9.53
CA LEU A 301 -22.75 -32.76 10.92
C LEU A 301 -23.61 -33.99 11.23
N LYS A 302 -24.34 -34.48 10.23
CA LYS A 302 -25.21 -35.64 10.41
C LYS A 302 -24.41 -36.93 10.57
N VAL B 13 49.86 7.85 -2.49
CA VAL B 13 50.12 7.06 -3.73
C VAL B 13 48.85 6.84 -4.58
N ASP B 14 47.72 6.53 -3.93
CA ASP B 14 46.45 6.29 -4.64
C ASP B 14 45.51 7.53 -4.55
N PRO B 15 45.20 8.15 -5.70
CA PRO B 15 44.32 9.33 -5.75
C PRO B 15 42.81 9.05 -5.60
N THR B 16 42.40 7.79 -5.73
CA THR B 16 41.03 7.38 -5.44
C THR B 16 40.88 6.86 -4.01
N HIS B 17 41.91 7.05 -3.20
CA HIS B 17 41.84 6.68 -1.80
C HIS B 17 41.80 7.95 -0.98
N PHE B 18 40.72 8.14 -0.25
CA PHE B 18 40.57 9.33 0.57
C PHE B 18 40.68 8.91 2.03
N GLU B 19 41.62 9.50 2.75
CA GLU B 19 41.79 9.17 4.16
C GLU B 19 40.70 9.84 4.98
N LYS B 20 40.05 9.07 5.84
CA LYS B 20 39.00 9.60 6.70
C LYS B 20 39.42 10.83 7.51
N ARG B 21 40.64 10.78 8.04
CA ARG B 21 41.13 11.85 8.91
C ARG B 21 41.19 13.22 8.25
N PHE B 22 41.16 13.27 6.92
CA PHE B 22 41.18 14.55 6.20
C PHE B 22 39.85 14.93 5.56
N LEU B 23 38.81 14.15 5.82
CA LEU B 23 37.54 14.30 5.14
C LEU B 23 36.60 15.05 6.08
N LYS B 24 36.47 16.36 5.83
CA LYS B 24 35.72 17.26 6.71
C LYS B 24 34.32 17.51 6.19
N ARG B 25 33.33 17.15 7.02
CA ARG B 25 31.93 17.39 6.70
C ARG B 25 31.59 18.88 6.73
N ILE B 26 30.97 19.35 5.64
CA ILE B 26 30.51 20.73 5.57
C ILE B 26 28.99 20.78 5.74
N ARG B 27 28.26 20.04 4.92
CA ARG B 27 26.80 20.02 5.01
C ARG B 27 26.17 18.86 4.22
N ASP B 28 24.88 18.64 4.48
CA ASP B 28 24.12 17.63 3.79
C ASP B 28 23.64 18.10 2.43
N LEU B 29 23.63 17.16 1.47
CA LEU B 29 23.21 17.44 0.10
C LEU B 29 21.90 16.73 -0.27
N GLY B 30 21.71 15.50 0.21
CA GLY B 30 20.46 14.82 0.01
C GLY B 30 20.45 13.49 0.69
N GLU B 31 19.24 12.93 0.84
CA GLU B 31 19.05 11.61 1.42
C GLU B 31 18.24 10.68 0.49
N GLY B 32 18.64 9.42 0.44
CA GLY B 32 17.81 8.36 -0.13
C GLY B 32 16.93 7.85 1.00
N HIS B 33 17.00 6.55 1.27
CA HIS B 33 16.37 5.98 2.47
C HIS B 33 17.39 5.27 3.37
N PHE B 34 18.37 4.60 2.77
CA PHE B 34 19.45 3.97 3.52
C PHE B 34 20.81 4.63 3.31
N GLY B 35 20.85 5.68 2.48
CA GLY B 35 22.09 6.41 2.23
C GLY B 35 21.89 7.92 2.26
N LYS B 36 22.95 8.65 2.58
CA LYS B 36 22.92 10.09 2.43
C LYS B 36 24.19 10.59 1.77
N VAL B 37 24.09 11.76 1.15
CA VAL B 37 25.22 12.37 0.51
C VAL B 37 25.49 13.68 1.22
N GLU B 38 26.77 13.92 1.54
CA GLU B 38 27.16 15.13 2.24
C GLU B 38 28.26 15.83 1.46
N LEU B 39 28.30 17.15 1.56
CA LEU B 39 29.40 17.95 1.03
C LEU B 39 30.54 17.88 2.03
N CYS B 40 31.72 17.49 1.57
CA CYS B 40 32.89 17.47 2.43
C CYS B 40 34.02 18.17 1.73
N ARG B 41 34.97 18.67 2.52
CA ARG B 41 36.25 19.11 1.98
C ARG B 41 37.32 18.06 2.31
N TYR B 42 38.10 17.68 1.32
CA TYR B 42 39.22 16.77 1.53
C TYR B 42 40.45 17.62 1.71
N ASP B 43 40.86 17.82 2.94
CA ASP B 43 41.79 18.88 3.27
C ASP B 43 43.06 18.38 3.96
N PRO B 44 43.84 17.53 3.27
CA PRO B 44 45.07 16.99 3.85
C PRO B 44 46.08 18.06 4.30
N GLU B 45 46.07 19.24 3.68
CA GLU B 45 47.00 20.30 4.11
C GLU B 45 46.53 21.01 5.37
N GLY B 46 45.21 21.05 5.60
CA GLY B 46 44.68 21.56 6.87
C GLY B 46 44.37 23.05 6.90
N ASP B 47 44.52 23.72 5.77
CA ASP B 47 44.29 25.17 5.68
C ASP B 47 42.98 25.51 4.95
N ASN B 48 42.10 24.52 4.83
CA ASN B 48 40.79 24.75 4.21
C ASN B 48 40.94 25.23 2.76
N THR B 49 41.89 24.65 2.03
CA THR B 49 42.03 24.89 0.58
C THR B 49 41.82 23.62 -0.25
N GLY B 50 41.61 22.48 0.41
CA GLY B 50 41.40 21.22 -0.29
C GLY B 50 40.12 21.21 -1.14
N GLU B 51 39.99 20.22 -2.00
CA GLU B 51 38.83 20.15 -2.87
C GLU B 51 37.57 19.73 -2.12
N GLN B 52 36.44 20.26 -2.58
CA GLN B 52 35.11 19.86 -2.14
C GLN B 52 34.61 18.68 -2.97
N VAL B 53 34.08 17.68 -2.29
CA VAL B 53 33.59 16.47 -2.94
C VAL B 53 32.28 16.03 -2.28
N ALA B 54 31.49 15.23 -2.98
CA ALA B 54 30.26 14.70 -2.44
C ALA B 54 30.55 13.30 -1.88
N VAL B 55 30.09 13.05 -0.66
CA VAL B 55 30.39 11.81 0.05
C VAL B 55 29.10 11.05 0.38
N LYS B 56 28.93 9.88 -0.22
CA LYS B 56 27.79 9.03 0.10
C LYS B 56 28.19 7.96 1.12
N SER B 57 27.38 7.83 2.16
CA SER B 57 27.62 6.83 3.19
C SER B 57 26.29 6.23 3.59
N LEU B 58 26.34 5.16 4.36
CA LEU B 58 25.11 4.52 4.83
C LEU B 58 24.62 5.20 6.09
N LYS B 59 23.35 4.96 6.40
CA LYS B 59 22.76 5.43 7.63
C LYS B 59 22.78 4.24 8.60
N PRO B 60 23.27 4.45 9.83
CA PRO B 60 23.56 3.35 10.78
C PRO B 60 22.39 2.41 11.05
N ASN B 65 21.40 -4.58 7.12
CA ASN B 65 22.63 -3.93 6.67
C ASN B 65 22.73 -3.85 5.15
N HIS B 66 23.20 -2.71 4.65
CA HIS B 66 23.22 -2.41 3.22
C HIS B 66 24.62 -2.07 2.72
N ILE B 67 25.66 -2.50 3.45
CA ILE B 67 27.04 -2.32 3.02
C ILE B 67 27.24 -2.87 1.62
N ALA B 68 26.72 -4.07 1.36
CA ALA B 68 26.91 -4.69 0.07
C ALA B 68 26.32 -3.84 -1.05
N ASP B 69 25.16 -3.24 -0.79
CA ASP B 69 24.51 -2.37 -1.79
C ASP B 69 25.38 -1.19 -2.19
N LEU B 70 25.90 -0.47 -1.21
CA LEU B 70 26.82 0.64 -1.48
C LEU B 70 28.05 0.16 -2.24
N LYS B 71 28.61 -0.99 -1.86
CA LYS B 71 29.80 -1.52 -2.54
C LYS B 71 29.50 -1.81 -4.01
N LYS B 72 28.35 -2.41 -4.26
CA LYS B 72 27.92 -2.70 -5.64
C LYS B 72 27.72 -1.40 -6.41
N GLU B 73 27.09 -0.41 -5.77
CA GLU B 73 26.92 0.87 -6.42
C GLU B 73 28.28 1.50 -6.75
N ILE B 74 29.23 1.40 -5.81
CA ILE B 74 30.57 1.93 -6.05
C ILE B 74 31.19 1.28 -7.29
N GLU B 75 31.14 -0.04 -7.37
CA GLU B 75 31.75 -0.74 -8.50
C GLU B 75 31.04 -0.43 -9.81
N ILE B 76 29.74 -0.14 -9.76
CA ILE B 76 29.06 0.31 -10.97
C ILE B 76 29.55 1.70 -11.40
N LEU B 77 29.52 2.66 -10.47
CA LEU B 77 29.82 4.05 -10.83
C LEU B 77 31.26 4.16 -11.30
N ARG B 78 32.15 3.47 -10.60
CA ARG B 78 33.58 3.50 -10.88
C ARG B 78 33.88 3.19 -12.34
N ASN B 79 33.05 2.35 -12.95
CA ASN B 79 33.31 1.92 -14.32
C ASN B 79 32.37 2.52 -15.38
N LEU B 80 31.60 3.56 -15.01
CA LEU B 80 30.85 4.36 -16.01
C LEU B 80 31.67 5.59 -16.37
N TYR B 81 31.80 5.85 -17.67
CA TYR B 81 32.53 7.04 -18.14
C TYR B 81 31.68 7.72 -19.18
N HIS B 82 31.03 8.81 -18.79
CA HIS B 82 30.18 9.57 -19.70
C HIS B 82 29.99 10.97 -19.19
N GLU B 83 29.95 11.94 -20.10
CA GLU B 83 29.87 13.33 -19.69
C GLU B 83 28.54 13.67 -18.99
N ASN B 84 27.53 12.86 -19.23
CA ASN B 84 26.25 13.02 -18.54
C ASN B 84 26.02 12.03 -17.41
N ILE B 85 27.11 11.54 -16.82
CA ILE B 85 27.06 10.77 -15.59
C ILE B 85 28.07 11.32 -14.59
N VAL B 86 27.64 11.51 -13.34
CA VAL B 86 28.46 12.13 -12.29
C VAL B 86 29.77 11.35 -12.09
N LYS B 87 30.87 12.08 -11.90
CA LYS B 87 32.17 11.45 -11.84
C LYS B 87 32.45 10.82 -10.50
N TYR B 88 32.78 9.53 -10.55
CA TYR B 88 33.44 8.84 -9.45
C TYR B 88 34.82 9.42 -9.20
N LYS B 89 35.11 9.70 -7.92
CA LYS B 89 36.42 10.20 -7.52
C LYS B 89 37.20 9.22 -6.65
N GLY B 90 36.52 8.46 -5.79
CA GLY B 90 37.21 7.43 -5.02
C GLY B 90 36.38 6.86 -3.90
N ILE B 91 37.08 6.25 -2.94
CA ILE B 91 36.44 5.63 -1.78
C ILE B 91 37.17 6.00 -0.49
N CYS B 92 36.41 6.00 0.61
CA CYS B 92 36.96 6.15 1.96
C CYS B 92 36.51 4.94 2.78
N THR B 93 37.47 4.15 3.24
CA THR B 93 37.18 2.93 3.99
C THR B 93 37.46 3.15 5.47
N ASN B 98 35.35 -2.61 7.89
CA ASN B 98 34.24 -3.02 7.03
C ASN B 98 33.63 -1.88 6.24
N GLY B 99 33.23 -0.83 6.97
CA GLY B 99 32.52 0.32 6.40
C GLY B 99 33.25 1.00 5.26
N ILE B 100 32.47 1.62 4.37
CA ILE B 100 33.01 2.27 3.18
C ILE B 100 32.16 3.47 2.79
N LYS B 101 32.80 4.48 2.20
CA LYS B 101 32.10 5.64 1.65
C LYS B 101 32.45 5.86 0.18
N LEU B 102 31.48 6.34 -0.60
CA LEU B 102 31.66 6.65 -2.01
C LEU B 102 31.94 8.13 -2.16
N ILE B 103 32.96 8.48 -2.94
CA ILE B 103 33.37 9.88 -3.09
C ILE B 103 33.15 10.26 -4.56
N MET B 104 32.34 11.30 -4.78
CA MET B 104 32.00 11.76 -6.13
C MET B 104 32.31 13.23 -6.29
N GLU B 105 32.36 13.69 -7.52
CA GLU B 105 32.52 15.13 -7.73
C GLU B 105 31.35 15.88 -7.13
N PHE B 106 31.63 17.08 -6.64
CA PHE B 106 30.62 17.98 -6.13
C PHE B 106 30.14 18.88 -7.25
N LEU B 107 28.83 18.95 -7.45
CA LEU B 107 28.22 19.89 -8.41
C LEU B 107 27.40 20.93 -7.66
N PRO B 108 27.99 22.13 -7.47
CA PRO B 108 27.42 23.18 -6.61
C PRO B 108 25.98 23.56 -6.95
N SER B 109 25.59 23.44 -8.22
CA SER B 109 24.24 23.83 -8.60
C SER B 109 23.20 22.89 -8.08
N GLY B 110 23.64 21.72 -7.61
CA GLY B 110 22.69 20.76 -7.01
C GLY B 110 21.89 20.05 -8.06
N SER B 111 20.77 19.47 -7.64
CA SER B 111 19.89 18.78 -8.55
C SER B 111 18.89 19.73 -9.24
N LEU B 112 18.18 19.19 -10.23
CA LEU B 112 17.11 19.90 -10.91
C LEU B 112 16.01 20.36 -9.95
N LYS B 113 15.77 19.57 -8.90
CA LYS B 113 14.80 19.95 -7.86
C LYS B 113 15.18 21.30 -7.24
N GLU B 114 16.46 21.48 -6.97
CA GLU B 114 16.95 22.73 -6.39
C GLU B 114 17.09 23.83 -7.46
N TYR B 115 17.54 23.44 -8.65
CA TYR B 115 18.04 24.40 -9.61
C TYR B 115 16.92 25.07 -10.41
N LEU B 116 15.96 24.29 -10.86
CA LEU B 116 14.97 24.77 -11.83
C LEU B 116 14.09 25.86 -11.23
N PRO B 117 13.58 25.66 -10.00
CA PRO B 117 12.78 26.72 -9.39
C PRO B 117 13.48 28.07 -9.32
N LYS B 118 14.79 28.07 -9.17
CA LYS B 118 15.57 29.30 -8.99
C LYS B 118 16.07 29.88 -10.29
N ASN B 119 15.94 29.12 -11.39
CA ASN B 119 16.51 29.56 -12.66
C ASN B 119 15.54 29.48 -13.84
N LYS B 120 14.23 29.51 -13.55
CA LYS B 120 13.19 29.54 -14.59
C LYS B 120 13.46 30.54 -15.71
N ASN B 121 13.85 31.76 -15.35
CA ASN B 121 14.05 32.83 -16.35
C ASN B 121 15.22 32.54 -17.28
N LYS B 122 16.13 31.68 -16.80
CA LYS B 122 17.36 31.36 -17.49
C LYS B 122 17.19 30.14 -18.40
N ILE B 123 16.26 29.26 -18.04
CA ILE B 123 16.09 27.98 -18.72
C ILE B 123 14.81 27.98 -19.52
N ASN B 124 14.92 28.19 -20.82
CA ASN B 124 13.78 28.19 -21.75
C ASN B 124 13.57 26.78 -22.27
N LEU B 125 12.53 26.60 -23.08
CA LEU B 125 12.18 25.28 -23.64
C LEU B 125 13.35 24.63 -24.40
N LYS B 126 14.06 25.43 -25.16
CA LYS B 126 15.20 24.93 -25.91
C LYS B 126 16.19 24.28 -24.94
N GLN B 127 16.50 24.98 -23.86
CA GLN B 127 17.48 24.48 -22.92
C GLN B 127 16.96 23.23 -22.21
N GLN B 128 15.66 23.24 -21.88
CA GLN B 128 15.02 22.08 -21.29
C GLN B 128 15.15 20.87 -22.19
N LEU B 129 14.94 21.04 -23.49
CA LEU B 129 15.07 19.91 -24.40
C LEU B 129 16.52 19.40 -24.50
N LYS B 130 17.48 20.30 -24.34
CA LYS B 130 18.87 19.91 -24.36
C LYS B 130 19.20 19.06 -23.15
N TYR B 131 18.67 19.47 -22.00
CA TYR B 131 18.76 18.64 -20.79
C TYR B 131 18.18 17.28 -21.05
N ALA B 132 17.00 17.23 -21.65
CA ALA B 132 16.34 15.94 -21.90
C ALA B 132 17.19 15.03 -22.81
N VAL B 133 17.79 15.60 -23.85
CA VAL B 133 18.70 14.87 -24.73
C VAL B 133 19.87 14.29 -23.94
N GLN B 134 20.49 15.14 -23.10
CA GLN B 134 21.64 14.71 -22.30
C GLN B 134 21.29 13.56 -21.34
N ILE B 135 20.10 13.61 -20.74
CA ILE B 135 19.63 12.58 -19.84
C ILE B 135 19.42 11.29 -20.62
N CYS B 136 18.76 11.40 -21.76
CA CYS B 136 18.60 10.24 -22.65
C CYS B 136 19.94 9.62 -23.05
N LYS B 137 20.97 10.44 -23.29
CA LYS B 137 22.28 9.92 -23.65
C LYS B 137 22.97 9.22 -22.47
N GLY B 138 22.75 9.70 -21.26
CA GLY B 138 23.34 9.09 -20.08
C GLY B 138 22.67 7.75 -19.82
N MET B 139 21.35 7.74 -19.92
CA MET B 139 20.53 6.54 -19.73
C MET B 139 20.75 5.49 -20.81
N ASP B 140 20.94 5.94 -22.04
CA ASP B 140 21.21 5.04 -23.16
C ASP B 140 22.56 4.34 -23.00
N TYR B 141 23.57 5.09 -22.62
CA TYR B 141 24.88 4.53 -22.31
C TYR B 141 24.73 3.48 -21.20
N LEU B 142 23.93 3.80 -20.18
CA LEU B 142 23.73 2.92 -19.02
C LEU B 142 23.08 1.61 -19.44
N GLY B 143 22.01 1.72 -20.22
CA GLY B 143 21.37 0.56 -20.83
C GLY B 143 22.31 -0.29 -21.66
N SER B 144 23.27 0.35 -22.33
CA SER B 144 24.25 -0.34 -23.15
C SER B 144 25.27 -1.11 -22.30
N ARG B 145 25.45 -0.71 -21.05
CA ARG B 145 26.23 -1.49 -20.10
C ARG B 145 25.38 -2.54 -19.40
N GLN B 146 24.17 -2.79 -19.91
CA GLN B 146 23.23 -3.78 -19.35
C GLN B 146 22.71 -3.47 -17.94
N TYR B 147 22.63 -2.19 -17.60
CA TYR B 147 22.11 -1.77 -16.28
C TYR B 147 20.74 -1.16 -16.42
N VAL B 148 19.85 -1.43 -15.45
CA VAL B 148 18.60 -0.70 -15.33
C VAL B 148 18.73 0.16 -14.11
N HIS B 149 18.26 1.41 -14.21
CA HIS B 149 18.51 2.42 -13.21
C HIS B 149 17.51 2.38 -12.08
N ARG B 150 16.23 2.37 -12.43
CA ARG B 150 15.13 2.17 -11.48
C ARG B 150 14.79 3.37 -10.55
N ASP B 151 15.54 4.45 -10.63
CA ASP B 151 15.30 5.60 -9.79
C ASP B 151 15.38 6.91 -10.58
N LEU B 152 14.97 6.87 -11.85
CA LEU B 152 15.15 8.06 -12.69
C LEU B 152 14.13 9.10 -12.30
N ALA B 153 14.61 10.23 -11.77
CA ALA B 153 13.74 11.30 -11.34
C ALA B 153 14.51 12.61 -11.31
N ALA B 154 13.80 13.72 -11.42
CA ALA B 154 14.47 15.01 -11.50
C ALA B 154 15.39 15.19 -10.31
N ARG B 155 15.01 14.65 -9.16
CA ARG B 155 15.84 14.75 -7.97
C ARG B 155 17.23 14.05 -8.11
N ASN B 156 17.36 13.09 -9.02
CA ASN B 156 18.63 12.39 -9.24
C ASN B 156 19.46 12.89 -10.39
N VAL B 157 19.06 14.02 -10.97
CA VAL B 157 19.79 14.62 -12.06
C VAL B 157 20.44 15.86 -11.52
N LEU B 158 21.75 15.97 -11.70
CA LEU B 158 22.52 17.07 -11.15
C LEU B 158 22.85 18.07 -12.24
N VAL B 159 22.96 19.34 -11.86
CA VAL B 159 23.26 20.38 -12.81
C VAL B 159 24.72 20.70 -12.76
N GLU B 160 25.41 20.48 -13.86
CA GLU B 160 26.84 20.78 -13.97
C GLU B 160 27.00 22.28 -14.30
N SER B 161 26.08 22.77 -15.12
CA SER B 161 26.04 24.18 -15.48
C SER B 161 24.72 24.44 -16.17
N GLU B 162 24.50 25.69 -16.59
CA GLU B 162 23.31 26.05 -17.34
C GLU B 162 23.17 25.20 -18.61
N HIS B 163 24.28 24.64 -19.10
CA HIS B 163 24.32 23.93 -20.37
C HIS B 163 24.49 22.40 -20.25
N GLN B 164 24.65 21.88 -19.04
CA GLN B 164 24.93 20.46 -18.85
C GLN B 164 24.36 19.84 -17.55
N VAL B 165 23.69 18.70 -17.68
CA VAL B 165 23.25 17.94 -16.53
C VAL B 165 23.87 16.55 -16.53
N LYS B 166 23.89 15.92 -15.36
CA LYS B 166 24.41 14.58 -15.18
C LYS B 166 23.54 13.77 -14.26
N ILE B 167 23.27 12.53 -14.65
CA ILE B 167 22.62 11.57 -13.78
C ILE B 167 23.55 11.34 -12.58
N GLY B 168 23.02 11.50 -11.37
CA GLY B 168 23.86 11.70 -10.18
C GLY B 168 23.74 10.70 -9.06
N ASP B 169 22.88 9.69 -9.24
CA ASP B 169 22.77 8.67 -8.20
C ASP B 169 22.45 7.34 -8.82
N PHE B 170 23.03 6.27 -8.27
CA PHE B 170 22.82 4.93 -8.78
C PHE B 170 22.53 3.96 -7.66
N GLY B 171 21.80 4.42 -6.65
CA GLY B 171 21.51 3.60 -5.46
C GLY B 171 20.64 2.38 -5.69
N LEU B 172 19.90 2.36 -6.78
CA LEU B 172 18.99 1.26 -7.10
C LEU B 172 19.35 0.55 -8.41
N THR B 173 20.45 0.97 -9.03
CA THR B 173 20.84 0.42 -10.32
C THR B 173 21.19 -1.06 -10.19
N LYS B 174 20.77 -1.83 -11.20
CA LYS B 174 20.91 -3.26 -11.20
C LYS B 174 21.32 -3.71 -12.60
N ALA B 175 22.22 -4.69 -12.65
CA ALA B 175 22.53 -5.36 -13.91
C ALA B 175 21.37 -6.27 -14.36
N ILE B 176 21.06 -6.26 -15.64
CA ILE B 176 20.18 -7.28 -16.25
C ILE B 176 21.05 -8.40 -16.80
N GLU B 177 20.69 -9.65 -16.49
CA GLU B 177 21.37 -10.84 -17.04
C GLU B 177 21.50 -10.79 -18.57
N THR B 178 22.63 -11.27 -19.08
CA THR B 178 22.78 -11.51 -20.52
C THR B 178 21.69 -12.50 -20.95
N ASP B 179 21.14 -12.27 -22.15
CA ASP B 179 20.05 -13.09 -22.70
C ASP B 179 18.75 -13.10 -21.86
N LYS B 180 18.65 -12.16 -20.92
CA LYS B 180 17.41 -11.89 -20.18
C LYS B 180 17.02 -10.44 -20.48
N GLU B 181 15.74 -10.15 -20.38
CA GLU B 181 15.24 -8.80 -20.71
C GLU B 181 14.91 -7.96 -19.48
N THR B 184 14.34 -8.93 -11.88
CA THR B 184 13.18 -9.09 -11.00
C THR B 184 13.52 -8.53 -9.63
N VAL B 185 12.64 -7.69 -9.10
CA VAL B 185 12.89 -6.98 -7.85
C VAL B 185 12.27 -7.67 -6.65
N LYS B 186 13.01 -7.68 -5.56
CA LYS B 186 12.63 -8.39 -4.34
C LYS B 186 12.31 -7.38 -3.24
N ASP B 187 13.27 -6.52 -2.89
CA ASP B 187 12.99 -5.42 -1.97
C ASP B 187 12.40 -4.26 -2.76
N ASP B 188 11.14 -3.95 -2.47
CA ASP B 188 10.39 -2.87 -3.13
C ASP B 188 9.70 -1.94 -2.13
N ARG B 189 10.06 -2.09 -0.85
CA ARG B 189 9.40 -1.38 0.24
C ARG B 189 9.37 0.12 -0.02
N ASP B 190 10.49 0.65 -0.50
CA ASP B 190 10.64 2.10 -0.67
C ASP B 190 10.72 2.51 -2.14
N SER B 191 9.81 2.00 -2.96
CA SER B 191 9.81 2.31 -4.39
C SER B 191 9.23 3.70 -4.67
N PRO B 192 9.78 4.42 -5.66
CA PRO B 192 9.18 5.66 -6.18
C PRO B 192 8.03 5.36 -7.14
N VAL B 193 6.88 5.02 -6.57
CA VAL B 193 5.79 4.44 -7.35
C VAL B 193 5.18 5.40 -8.39
N PHE B 194 5.24 6.70 -8.14
CA PHE B 194 4.67 7.64 -9.11
C PHE B 194 5.57 7.86 -10.34
N TRP B 195 6.76 7.28 -10.31
CA TRP B 195 7.65 7.27 -11.47
C TRP B 195 7.70 5.90 -12.16
N TYR B 196 6.91 4.94 -11.72
CA TYR B 196 7.08 3.54 -12.15
C TYR B 196 6.09 3.07 -13.21
N ALA B 197 6.61 2.35 -14.20
CA ALA B 197 5.78 1.71 -15.24
C ALA B 197 4.97 0.59 -14.62
N PRO B 198 3.83 0.25 -15.25
CA PRO B 198 2.94 -0.76 -14.69
C PRO B 198 3.62 -2.09 -14.39
N GLU B 199 4.43 -2.60 -15.32
CA GLU B 199 5.09 -3.88 -15.13
C GLU B 199 5.91 -3.95 -13.82
N CYS B 200 6.43 -2.79 -13.41
CA CYS B 200 7.17 -2.64 -12.15
C CYS B 200 6.24 -2.63 -10.97
N LEU B 201 5.14 -1.90 -11.11
CA LEU B 201 4.13 -1.84 -10.07
C LEU B 201 3.41 -3.18 -9.86
N MET B 202 3.10 -3.88 -10.95
CA MET B 202 2.30 -5.11 -10.88
C MET B 202 3.12 -6.38 -10.74
N GLN B 203 4.28 -6.43 -11.39
CA GLN B 203 5.08 -7.66 -11.41
C GLN B 203 6.50 -7.48 -10.90
N SER B 204 6.87 -6.27 -10.50
CA SER B 204 8.20 -6.00 -9.99
C SER B 204 9.27 -6.43 -10.99
N LYS B 205 8.97 -6.28 -12.29
CA LYS B 205 9.93 -6.55 -13.34
C LYS B 205 10.42 -5.21 -13.89
N PHE B 206 11.73 -5.11 -14.13
CA PHE B 206 12.36 -3.88 -14.61
C PHE B 206 13.10 -4.06 -15.91
N TYR B 207 12.55 -3.47 -16.96
CA TYR B 207 13.14 -3.48 -18.31
C TYR B 207 13.81 -2.15 -18.56
N ILE B 208 14.70 -2.09 -19.53
CA ILE B 208 15.22 -0.80 -20.01
C ILE B 208 14.06 0.13 -20.35
N ALA B 209 12.99 -0.44 -20.90
CA ALA B 209 11.78 0.30 -21.22
C ALA B 209 11.02 0.82 -19.99
N SER B 210 11.38 0.34 -18.81
CA SER B 210 10.81 0.85 -17.57
C SER B 210 11.53 2.14 -17.19
N ASP B 211 12.81 2.24 -17.52
CA ASP B 211 13.54 3.48 -17.33
C ASP B 211 13.02 4.55 -18.29
N VAL B 212 12.59 4.13 -19.46
CA VAL B 212 11.99 5.00 -20.44
C VAL B 212 10.72 5.62 -19.88
N TRP B 213 9.85 4.79 -19.32
CA TRP B 213 8.64 5.29 -18.64
C TRP B 213 9.03 6.33 -17.60
N SER B 214 10.01 6.00 -16.79
CA SER B 214 10.50 6.91 -15.77
C SER B 214 11.06 8.19 -16.38
N PHE B 215 11.71 8.09 -17.53
CA PHE B 215 12.20 9.31 -18.20
C PHE B 215 11.02 10.21 -18.57
N GLY B 216 9.93 9.62 -19.06
CA GLY B 216 8.73 10.38 -19.34
C GLY B 216 8.25 11.20 -18.15
N VAL B 217 8.25 10.60 -16.97
CA VAL B 217 7.84 11.31 -15.77
C VAL B 217 8.85 12.38 -15.38
N THR B 218 10.15 12.10 -15.56
CA THR B 218 11.20 13.06 -15.29
C THR B 218 11.13 14.23 -16.26
N LEU B 219 10.76 13.95 -17.50
CA LEU B 219 10.63 15.00 -18.51
C LEU B 219 9.49 15.96 -18.17
N HIS B 220 8.39 15.40 -17.68
CA HIS B 220 7.27 16.19 -17.17
C HIS B 220 7.73 17.11 -16.03
N GLU B 221 8.56 16.58 -15.13
CA GLU B 221 9.08 17.37 -14.03
C GLU B 221 9.92 18.52 -14.54
N LEU B 222 10.75 18.23 -15.53
CA LEU B 222 11.61 19.21 -16.15
C LEU B 222 10.77 20.34 -16.73
N LEU B 223 9.72 19.97 -17.43
CA LEU B 223 8.84 20.93 -18.06
C LEU B 223 8.02 21.79 -17.09
N THR B 224 7.83 21.33 -15.85
CA THR B 224 7.15 22.13 -14.82
C THR B 224 8.14 22.76 -13.84
N TYR B 225 9.42 22.74 -14.21
CA TYR B 225 10.50 23.30 -13.40
C TYR B 225 10.45 22.77 -11.98
N CYS B 226 10.10 21.49 -11.84
CA CYS B 226 10.05 20.85 -10.52
C CYS B 226 9.27 21.62 -9.48
N ASP B 227 8.24 22.33 -9.89
CA ASP B 227 7.30 22.92 -8.96
C ASP B 227 6.59 21.82 -8.16
N SER B 228 6.69 21.87 -6.84
CA SER B 228 6.11 20.83 -6.00
C SER B 228 4.61 20.61 -6.23
N ASP B 229 3.87 21.68 -6.53
CA ASP B 229 2.42 21.57 -6.74
C ASP B 229 2.04 20.98 -8.11
N SER B 230 3.05 20.73 -8.94
CA SER B 230 2.83 20.05 -10.21
C SER B 230 3.61 18.73 -10.22
N SER B 231 4.10 18.29 -9.07
CA SER B 231 4.93 17.12 -9.02
C SER B 231 4.11 15.90 -9.40
N PRO B 232 4.78 14.84 -9.89
CA PRO B 232 4.05 13.67 -10.32
C PRO B 232 3.20 13.07 -9.21
N MET B 233 3.74 12.99 -8.00
CA MET B 233 2.96 12.57 -6.84
C MET B 233 1.76 13.48 -6.59
N ALA B 234 1.95 14.79 -6.63
CA ALA B 234 0.83 15.73 -6.38
C ALA B 234 -0.30 15.54 -7.37
N LEU B 235 0.04 15.48 -8.65
CA LEU B 235 -0.97 15.38 -9.70
C LEU B 235 -1.66 14.03 -9.70
N PHE B 236 -0.87 12.96 -9.57
CA PHE B 236 -1.42 11.62 -9.41
C PHE B 236 -2.33 11.50 -8.17
N LEU B 237 -1.96 12.12 -7.05
CA LEU B 237 -2.80 12.07 -5.85
C LEU B 237 -4.03 12.95 -5.95
N LYS B 238 -4.11 13.75 -7.02
CA LYS B 238 -5.30 14.51 -7.35
C LYS B 238 -6.26 13.58 -8.12
N MET B 239 -5.73 12.92 -9.14
CA MET B 239 -6.53 12.01 -9.99
C MET B 239 -7.26 10.92 -9.21
N ILE B 240 -6.51 10.16 -8.40
CA ILE B 240 -7.02 8.93 -7.79
C ILE B 240 -7.59 9.13 -6.39
N GLY B 241 -7.07 10.12 -5.68
CA GLY B 241 -7.43 10.39 -4.29
C GLY B 241 -6.20 10.31 -3.39
N PRO B 242 -6.06 11.26 -2.46
CA PRO B 242 -4.86 11.32 -1.60
C PRO B 242 -4.91 10.44 -0.35
N THR B 243 -6.09 9.86 -0.04
CA THR B 243 -6.32 9.17 1.23
C THR B 243 -6.70 7.68 1.05
N HIS B 244 -5.84 6.91 0.41
CA HIS B 244 -6.04 5.48 0.22
C HIS B 244 -4.98 4.59 0.86
N GLY B 245 -4.01 5.20 1.54
CA GLY B 245 -2.94 4.47 2.24
C GLY B 245 -2.37 3.27 1.50
N GLN B 246 -2.75 2.08 1.94
CA GLN B 246 -2.26 0.82 1.36
C GLN B 246 -2.85 0.50 -0.02
N MET B 247 -3.93 1.19 -0.38
CA MET B 247 -4.59 0.94 -1.65
C MET B 247 -4.07 1.86 -2.75
N THR B 248 -3.18 2.80 -2.40
CA THR B 248 -2.70 3.83 -3.34
C THR B 248 -2.18 3.24 -4.65
N VAL B 249 -1.35 2.21 -4.56
CA VAL B 249 -0.71 1.60 -5.74
C VAL B 249 -1.73 0.91 -6.64
N THR B 250 -2.66 0.19 -6.01
CA THR B 250 -3.75 -0.46 -6.74
C THR B 250 -4.54 0.57 -7.53
N ARG B 251 -4.89 1.68 -6.87
CA ARG B 251 -5.64 2.76 -7.54
C ARG B 251 -4.80 3.44 -8.63
N LEU B 252 -3.49 3.53 -8.40
CA LEU B 252 -2.57 4.04 -9.42
C LEU B 252 -2.51 3.13 -10.67
N VAL B 253 -2.39 1.82 -10.44
CA VAL B 253 -2.41 0.85 -11.55
C VAL B 253 -3.73 0.90 -12.31
N ASN B 254 -4.84 1.08 -11.61
CA ASN B 254 -6.15 1.16 -12.29
C ASN B 254 -6.19 2.37 -13.21
N THR B 255 -5.77 3.51 -12.68
CA THR B 255 -5.70 4.75 -13.43
C THR B 255 -4.94 4.54 -14.74
N LEU B 256 -3.78 3.91 -14.66
CA LEU B 256 -2.94 3.68 -15.85
C LEU B 256 -3.55 2.65 -16.80
N LYS B 257 -4.21 1.63 -16.26
CA LYS B 257 -4.99 0.68 -17.08
C LYS B 257 -6.09 1.40 -17.86
N GLU B 258 -6.81 2.29 -17.18
CA GLU B 258 -7.90 3.06 -17.81
C GLU B 258 -7.37 4.08 -18.82
N GLY B 259 -6.04 4.16 -18.92
CA GLY B 259 -5.38 5.02 -19.92
C GLY B 259 -5.23 6.47 -19.50
N LYS B 260 -5.50 6.79 -18.23
CA LYS B 260 -5.25 8.12 -17.69
C LYS B 260 -3.75 8.36 -17.55
N ARG B 261 -3.30 9.52 -18.00
CA ARG B 261 -1.89 9.92 -17.88
C ARG B 261 -1.80 11.32 -17.33
N LEU B 262 -0.60 11.70 -16.89
CA LEU B 262 -0.32 13.08 -16.53
C LEU B 262 -0.63 14.02 -17.68
N PRO B 263 -1.23 15.17 -17.38
CA PRO B 263 -1.60 16.10 -18.44
C PRO B 263 -0.40 16.88 -18.99
N CYS B 264 -0.62 17.61 -20.07
CA CYS B 264 0.45 18.36 -20.70
C CYS B 264 0.81 19.53 -19.82
N PRO B 265 2.09 19.65 -19.43
CA PRO B 265 2.46 20.79 -18.62
C PRO B 265 2.15 22.09 -19.36
N PRO B 266 2.01 23.19 -18.60
CA PRO B 266 1.73 24.45 -19.28
C PRO B 266 2.89 24.82 -20.20
N ASN B 267 2.59 25.50 -21.30
CA ASN B 267 3.61 26.01 -22.22
C ASN B 267 4.41 24.93 -22.93
N CYS B 268 3.93 23.70 -22.86
CA CYS B 268 4.63 22.61 -23.48
C CYS B 268 3.94 22.37 -24.82
N PRO B 269 4.69 22.50 -25.93
CA PRO B 269 4.14 22.22 -27.26
C PRO B 269 3.68 20.77 -27.39
N ASP B 270 2.61 20.55 -28.15
CA ASP B 270 2.02 19.22 -28.31
C ASP B 270 3.07 18.20 -28.78
N GLU B 271 3.91 18.59 -29.74
CA GLU B 271 4.91 17.71 -30.31
C GLU B 271 5.87 17.16 -29.26
N VAL B 272 6.14 17.94 -28.20
CA VAL B 272 6.95 17.47 -27.07
C VAL B 272 6.12 16.58 -26.15
N TYR B 273 4.84 16.91 -25.98
CA TYR B 273 3.92 16.09 -25.18
C TYR B 273 3.70 14.70 -25.80
N GLN B 274 3.69 14.61 -27.14
CA GLN B 274 3.60 13.29 -27.80
C GLN B 274 4.82 12.41 -27.55
N LEU B 275 6.02 12.97 -27.63
CA LEU B 275 7.21 12.22 -27.25
C LEU B 275 7.05 11.65 -25.84
N MET B 276 6.56 12.49 -24.92
CA MET B 276 6.34 12.12 -23.53
C MET B 276 5.35 10.97 -23.44
N ARG B 277 4.22 11.11 -24.13
CA ARG B 277 3.22 10.04 -24.20
C ARG B 277 3.75 8.71 -24.73
N LYS B 278 4.73 8.74 -25.63
CA LYS B 278 5.32 7.50 -26.13
C LYS B 278 6.09 6.75 -25.03
N CYS B 279 6.66 7.48 -24.06
CA CYS B 279 7.25 6.86 -22.87
C CYS B 279 6.23 6.17 -21.98
N TRP B 280 4.96 6.49 -22.21
CA TRP B 280 3.91 6.00 -21.33
C TRP B 280 2.94 5.01 -21.95
N GLU B 281 3.35 4.30 -23.01
CA GLU B 281 2.59 3.17 -23.55
C GLU B 281 2.51 2.10 -22.49
N PHE B 282 1.32 1.54 -22.30
CA PHE B 282 1.09 0.58 -21.23
C PHE B 282 2.01 -0.63 -21.33
N GLN B 283 2.20 -1.15 -22.53
CA GLN B 283 3.03 -2.33 -22.73
C GLN B 283 4.49 -1.91 -23.00
N PRO B 284 5.44 -2.47 -22.23
CA PRO B 284 6.86 -2.11 -22.37
C PRO B 284 7.35 -2.12 -23.82
N SER B 285 7.12 -3.25 -24.51
CA SER B 285 7.68 -3.46 -25.84
C SER B 285 7.14 -2.49 -26.91
N ASN B 286 6.06 -1.76 -26.58
CA ASN B 286 5.49 -0.73 -27.46
C ASN B 286 5.88 0.71 -27.08
N ARG B 287 6.74 0.87 -26.06
CA ARG B 287 7.27 2.19 -25.72
C ARG B 287 8.38 2.60 -26.65
N THR B 288 8.60 3.91 -26.74
CA THR B 288 9.71 4.42 -27.49
C THR B 288 11.01 4.05 -26.77
N SER B 289 12.12 4.26 -27.43
CA SER B 289 13.42 3.98 -26.88
C SER B 289 14.13 5.29 -26.62
N PHE B 290 15.26 5.22 -25.91
CA PHE B 290 16.08 6.40 -25.67
C PHE B 290 16.67 6.96 -26.96
N GLN B 291 17.10 6.10 -27.87
CA GLN B 291 17.61 6.56 -29.17
C GLN B 291 16.55 7.32 -29.99
N ASN B 292 15.30 6.87 -29.93
CA ASN B 292 14.20 7.55 -30.62
C ASN B 292 13.83 8.90 -29.98
N LEU B 293 13.78 8.95 -28.66
CA LEU B 293 13.62 10.21 -27.95
C LEU B 293 14.70 11.22 -28.35
N ILE B 294 15.96 10.80 -28.28
CA ILE B 294 17.07 11.65 -28.72
C ILE B 294 16.84 12.21 -30.13
N GLU B 295 16.43 11.35 -31.06
CA GLU B 295 16.16 11.81 -32.44
C GLU B 295 15.02 12.83 -32.49
N GLY B 296 13.90 12.51 -31.84
CA GLY B 296 12.76 13.42 -31.74
C GLY B 296 13.11 14.79 -31.16
N PHE B 297 13.90 14.80 -30.09
CA PHE B 297 14.33 16.05 -29.46
C PHE B 297 15.27 16.83 -30.36
N GLU B 298 16.27 16.15 -30.93
CA GLU B 298 17.23 16.81 -31.84
C GLU B 298 16.53 17.41 -33.07
N ALA B 299 15.44 16.80 -33.53
CA ALA B 299 14.67 17.35 -34.65
C ALA B 299 13.93 18.63 -34.27
N LEU B 300 13.46 18.70 -33.03
CA LEU B 300 12.75 19.89 -32.55
C LEU B 300 13.71 21.02 -32.24
N LEU B 301 14.97 20.68 -32.02
CA LEU B 301 16.00 21.66 -31.69
C LEU B 301 16.61 22.34 -32.91
N LYS B 302 16.63 21.65 -34.05
CA LYS B 302 17.22 22.18 -35.28
C LYS B 302 16.25 23.15 -35.99
#